data_3WFH
#
_entry.id   3WFH
#
_cell.length_a   70.260
_cell.length_b   82.530
_cell.length_c   82.740
_cell.angle_alpha   90.00
_cell.angle_beta   90.00
_cell.angle_gamma   90.00
#
_symmetry.space_group_name_H-M   'P 21 21 21'
#
loop_
_entity.id
_entity.type
_entity.pdbx_description
1 polymer 'mAb Fab H fragment'
2 polymer 'mAb Fab L fragment'
3 non-polymer '(Z)-7-[(1R,2R,3R)-3-hydroxy-2-[(E,3S)-3-hydroxyoct-1-enyl]-5-oxo-cyclopentyl]hept-5-enoic acid'
4 water water
#
loop_
_entity_poly.entity_id
_entity_poly.type
_entity_poly.pdbx_seq_one_letter_code
_entity_poly.pdbx_strand_id
1 'polypeptide(L)'
;KVQLQQSGAELVKPGASVKLSCKASGYTFTEYFIHWVKQRSGQGLEWIGWFYPGSGSLNYNGKFKDKATFTADKSSSTVY
LELSRLTSEDSAVYFCASHAYDKEPYWGQGTLVTVSAAKTTPPSVYPLAPGSAAQTNSMVTLGCLVKGYFPEPVTVTWNS
GSLSSGVHTFPAVLQSDLYTLSSSVTVPSSTWPSETVTCNVAHPASSTKVDKKIVPR
;
A
2 'polypeptide(L)'
;DVLMTQTPLSLPVSLGDQASISCRSSQSIVHSNGNTYLEWYLQKPGQSPKLLIYKVSNRFSGVPDRFSGSGSGTDFTLKI
NRVEAEDLGIYYCLQGSHVPLTFGAGTTLELKRADAAPTVSIFPPSSEQLTSGGASVVCFLNNFYPKDINVKWKIDGSER
QNGVLNSWTDQDSKDSTYSMSSTLTLTKDEYERHNSYTCEATHKTSTSPIVKSFNR
;
B
#
loop_
_chem_comp.id
_chem_comp.type
_chem_comp.name
_chem_comp.formula
P2E non-polymer '(Z)-7-[(1R,2R,3R)-3-hydroxy-2-[(E,3S)-3-hydroxyoct-1-enyl]-5-oxo-cyclopentyl]hept-5-enoic acid' 'C20 H32 O5'
#
# COMPACT_ATOMS: atom_id res chain seq x y z
N LYS A 1 29.96 -3.48 8.40
CA LYS A 1 28.52 -3.66 8.34
C LYS A 1 28.06 -3.74 6.89
N VAL A 2 27.28 -4.78 6.58
CA VAL A 2 26.74 -4.98 5.23
C VAL A 2 25.65 -3.96 4.95
N GLN A 3 25.84 -3.15 3.90
CA GLN A 3 24.87 -2.14 3.52
C GLN A 3 24.58 -2.15 2.02
N LEU A 4 23.31 -1.95 1.66
CA LEU A 4 22.91 -1.86 0.27
C LEU A 4 22.20 -0.53 0.05
N GLN A 5 22.71 0.26 -0.88
CA GLN A 5 22.10 1.55 -1.19
C GLN A 5 21.40 1.48 -2.53
N GLN A 6 20.09 1.66 -2.51
CA GLN A 6 19.33 1.63 -3.76
C GLN A 6 19.12 3.04 -4.28
N SER A 7 19.00 3.18 -5.59
CA SER A 7 18.82 4.49 -6.20
C SER A 7 17.47 5.11 -5.80
N GLY A 8 17.34 6.41 -6.02
CA GLY A 8 16.16 7.14 -5.61
C GLY A 8 14.94 6.81 -6.46
N ALA A 9 13.77 7.28 -6.02
CA ALA A 9 12.52 7.03 -6.73
C ALA A 9 12.62 7.47 -8.18
N GLU A 10 12.00 6.68 -9.07
CA GLU A 10 12.03 6.95 -10.50
C GLU A 10 10.65 7.30 -11.04
N LEU A 11 10.58 8.36 -11.82
CA LEU A 11 9.39 8.67 -12.60
C LEU A 11 9.75 8.33 -14.04
N VAL A 12 9.04 7.37 -14.62
CA VAL A 12 9.41 6.81 -15.92
C VAL A 12 8.28 7.02 -16.91
N LYS A 13 8.61 7.50 -18.10
CA LYS A 13 7.63 7.66 -19.16
C LYS A 13 7.14 6.28 -19.59
N PRO A 14 5.83 6.16 -19.90
CA PRO A 14 5.33 4.87 -20.38
C PRO A 14 6.11 4.39 -21.61
N GLY A 15 6.36 3.08 -21.69
CA GLY A 15 7.05 2.53 -22.83
C GLY A 15 8.57 2.61 -22.76
N ALA A 16 9.07 3.53 -21.94
CA ALA A 16 10.52 3.71 -21.80
C ALA A 16 11.10 2.61 -20.92
N SER A 17 12.41 2.64 -20.77
CA SER A 17 13.09 1.70 -19.88
C SER A 17 13.70 2.46 -18.70
N VAL A 18 14.05 1.73 -17.64
CA VAL A 18 14.67 2.36 -16.48
C VAL A 18 15.70 1.39 -15.92
N LYS A 19 16.81 1.93 -15.43
CA LYS A 19 17.85 1.07 -14.85
C LYS A 19 18.03 1.43 -13.38
N LEU A 20 17.71 0.48 -12.51
CA LEU A 20 17.78 0.71 -11.07
C LEU A 20 19.12 0.21 -10.58
N SER A 21 19.66 0.84 -9.55
CA SER A 21 20.94 0.41 -9.03
C SER A 21 20.91 -0.01 -7.57
N CYS A 22 21.79 -0.96 -7.25
N CYS A 22 21.83 -0.91 -7.24
CA CYS A 22 21.97 -1.43 -5.89
CA CYS A 22 21.97 -1.46 -5.90
C CYS A 22 23.46 -1.45 -5.61
C CYS A 22 23.46 -1.48 -5.60
N LYS A 23 23.92 -0.52 -4.81
CA LYS A 23 25.36 -0.40 -4.50
C LYS A 23 25.66 -1.00 -3.13
N ALA A 24 26.59 -1.96 -3.11
CA ALA A 24 26.87 -2.72 -1.90
C ALA A 24 28.17 -2.30 -1.23
N SER A 25 28.22 -2.51 0.07
CA SER A 25 29.40 -2.21 0.86
C SER A 25 29.42 -3.13 2.06
N GLY A 26 30.62 -3.35 2.62
CA GLY A 26 30.73 -4.12 3.85
C GLY A 26 31.04 -5.59 3.66
N TYR A 27 31.25 -6.01 2.42
CA TYR A 27 31.62 -7.39 2.12
C TYR A 27 32.32 -7.49 0.78
N THR A 28 32.82 -8.68 0.44
CA THR A 28 33.48 -8.88 -0.85
C THR A 28 32.44 -9.01 -1.95
N PHE A 29 32.34 -7.96 -2.78
CA PHE A 29 31.24 -7.81 -3.74
C PHE A 29 31.00 -9.03 -4.62
N THR A 30 32.08 -9.64 -5.09
CA THR A 30 31.98 -10.75 -6.03
C THR A 30 31.58 -12.09 -5.39
N GLU A 31 31.38 -12.10 -4.08
CA GLU A 31 31.09 -13.36 -3.41
C GLU A 31 29.66 -13.48 -2.85
N TYR A 32 28.83 -12.47 -3.09
CA TYR A 32 27.44 -12.51 -2.66
C TYR A 32 26.48 -12.50 -3.85
N PHE A 33 25.36 -13.20 -3.70
CA PHE A 33 24.29 -13.16 -4.69
C PHE A 33 23.48 -11.91 -4.46
N ILE A 34 22.93 -11.34 -5.53
CA ILE A 34 21.96 -10.27 -5.42
C ILE A 34 20.62 -10.74 -5.99
N HIS A 35 19.54 -10.55 -5.24
CA HIS A 35 18.21 -10.87 -5.73
C HIS A 35 17.41 -9.59 -5.89
N TRP A 36 16.46 -9.58 -6.82
CA TRP A 36 15.54 -8.47 -6.93
C TRP A 36 14.11 -8.96 -6.69
N VAL A 37 13.33 -8.15 -6.00
CA VAL A 37 11.98 -8.52 -5.58
C VAL A 37 11.04 -7.36 -5.89
N LYS A 38 9.88 -7.67 -6.46
CA LYS A 38 8.91 -6.65 -6.84
C LYS A 38 7.73 -6.62 -5.87
N GLN A 39 7.24 -5.43 -5.55
CA GLN A 39 6.02 -5.31 -4.75
C GLN A 39 5.13 -4.19 -5.24
N ARG A 40 4.01 -4.55 -5.87
CA ARG A 40 3.05 -3.55 -6.30
C ARG A 40 2.27 -3.04 -5.11
N SER A 41 1.80 -1.79 -5.22
CA SER A 41 1.10 -1.13 -4.12
C SER A 41 -0.01 -2.00 -3.54
N GLY A 42 0.09 -2.28 -2.23
CA GLY A 42 -0.93 -3.05 -1.53
C GLY A 42 -0.95 -4.54 -1.86
N GLN A 43 0.07 -5.00 -2.57
CA GLN A 43 0.16 -6.42 -2.93
C GLN A 43 1.34 -7.09 -2.25
N GLY A 44 1.55 -8.36 -2.56
CA GLY A 44 2.61 -9.14 -1.94
C GLY A 44 3.93 -9.02 -2.66
N LEU A 45 4.87 -9.87 -2.28
CA LEU A 45 6.22 -9.87 -2.83
C LEU A 45 6.36 -10.89 -3.96
N GLU A 46 7.10 -10.52 -5.00
N GLU A 46 7.04 -10.49 -5.03
CA GLU A 46 7.32 -11.39 -6.15
CA GLU A 46 7.33 -11.37 -6.16
C GLU A 46 8.80 -11.43 -6.51
C GLU A 46 8.84 -11.43 -6.37
N TRP A 47 9.38 -12.63 -6.57
CA TRP A 47 10.80 -12.78 -6.87
C TRP A 47 11.09 -12.61 -8.36
N ILE A 48 12.05 -11.75 -8.70
CA ILE A 48 12.39 -11.48 -10.10
C ILE A 48 13.52 -12.39 -10.60
N GLY A 49 14.55 -12.54 -9.78
CA GLY A 49 15.67 -13.40 -10.17
C GLY A 49 16.88 -13.20 -9.28
N TRP A 50 17.93 -13.99 -9.54
CA TRP A 50 19.19 -13.82 -8.85
C TRP A 50 20.33 -13.56 -9.82
N PHE A 51 21.37 -12.89 -9.33
CA PHE A 51 22.54 -12.54 -10.12
C PHE A 51 23.78 -12.69 -9.24
N TYR A 52 24.84 -13.28 -9.77
CA TYR A 52 26.08 -13.46 -9.01
C TYR A 52 27.20 -12.70 -9.71
N PRO A 53 27.48 -11.48 -9.27
CA PRO A 53 28.47 -10.60 -9.92
C PRO A 53 29.83 -11.27 -10.11
N GLY A 54 30.19 -12.19 -9.22
CA GLY A 54 31.49 -12.84 -9.28
C GLY A 54 31.71 -13.77 -10.45
N SER A 55 30.63 -14.12 -11.15
CA SER A 55 30.76 -14.98 -12.32
C SER A 55 29.88 -14.49 -13.46
N GLY A 56 28.96 -13.58 -13.16
CA GLY A 56 28.00 -13.12 -14.16
C GLY A 56 26.84 -14.08 -14.36
N SER A 57 26.80 -15.14 -13.57
CA SER A 57 25.70 -16.11 -13.63
C SER A 57 24.40 -15.47 -13.14
N LEU A 58 23.28 -15.92 -13.70
CA LEU A 58 22.00 -15.38 -13.31
C LEU A 58 20.87 -16.35 -13.58
N ASN A 59 19.70 -16.06 -13.02
CA ASN A 59 18.50 -16.80 -13.32
C ASN A 59 17.32 -15.87 -13.16
N TYR A 60 16.41 -15.88 -14.14
CA TYR A 60 15.19 -15.08 -14.07
C TYR A 60 13.96 -15.94 -13.83
N ASN A 61 13.08 -15.46 -12.96
CA ASN A 61 11.72 -15.97 -12.89
C ASN A 61 11.15 -15.84 -14.29
N GLY A 62 10.66 -16.95 -14.84
CA GLY A 62 10.09 -16.96 -16.18
C GLY A 62 9.11 -15.83 -16.43
N LYS A 63 8.37 -15.45 -15.40
CA LYS A 63 7.42 -14.35 -15.51
C LYS A 63 8.07 -13.01 -15.88
N PHE A 64 9.41 -12.91 -15.70
CA PHE A 64 10.14 -11.67 -15.92
C PHE A 64 11.20 -11.72 -17.03
N LYS A 65 11.29 -12.82 -17.76
CA LYS A 65 12.37 -12.99 -18.72
C LYS A 65 12.41 -11.93 -19.82
N ASP A 66 11.24 -11.41 -20.19
CA ASP A 66 11.16 -10.39 -21.23
C ASP A 66 11.13 -8.96 -20.66
N LYS A 67 11.28 -8.84 -19.35
CA LYS A 67 11.08 -7.57 -18.68
C LYS A 67 12.33 -7.08 -17.96
N ALA A 68 13.08 -8.02 -17.38
CA ALA A 68 14.21 -7.67 -16.52
C ALA A 68 15.54 -8.12 -17.09
N THR A 69 16.55 -7.28 -16.93
CA THR A 69 17.93 -7.64 -17.27
C THR A 69 18.85 -7.24 -16.13
N PHE A 70 19.65 -8.19 -15.65
CA PHE A 70 20.62 -7.93 -14.58
C PHE A 70 22.00 -7.66 -15.16
N THR A 71 22.69 -6.64 -14.66
CA THR A 71 24.08 -6.40 -15.00
C THR A 71 24.83 -5.89 -13.78
N ALA A 72 26.14 -5.76 -13.90
CA ALA A 72 26.92 -5.28 -12.78
C ALA A 72 28.11 -4.45 -13.22
N ASP A 73 28.56 -3.60 -12.32
CA ASP A 73 29.81 -2.88 -12.48
C ASP A 73 30.67 -3.21 -11.28
N LYS A 74 31.57 -4.16 -11.44
CA LYS A 74 32.45 -4.57 -10.35
C LYS A 74 33.35 -3.43 -9.87
N SER A 75 33.60 -2.47 -10.74
CA SER A 75 34.47 -1.35 -10.40
C SER A 75 33.81 -0.40 -9.39
N SER A 76 32.48 -0.52 -9.23
CA SER A 76 31.77 0.33 -8.29
C SER A 76 30.91 -0.46 -7.29
N SER A 77 31.07 -1.78 -7.27
CA SER A 77 30.29 -2.67 -6.40
C SER A 77 28.78 -2.47 -6.55
N THR A 78 28.34 -2.32 -7.79
CA THR A 78 26.94 -2.01 -8.07
C THR A 78 26.33 -3.04 -9.01
N VAL A 79 25.11 -3.48 -8.69
CA VAL A 79 24.37 -4.34 -9.59
C VAL A 79 23.17 -3.54 -10.10
N TYR A 80 22.80 -3.80 -11.35
CA TYR A 80 21.69 -3.07 -11.97
C TYR A 80 20.55 -3.98 -12.34
N LEU A 81 19.33 -3.46 -12.21
CA LEU A 81 18.15 -4.10 -12.76
C LEU A 81 17.58 -3.15 -13.80
N GLU A 82 17.61 -3.55 -15.06
CA GLU A 82 16.98 -2.76 -16.11
C GLU A 82 15.62 -3.34 -16.42
N LEU A 83 14.61 -2.48 -16.39
CA LEU A 83 13.25 -2.88 -16.72
C LEU A 83 12.90 -2.25 -18.07
N SER A 84 12.45 -3.07 -19.02
CA SER A 84 12.21 -2.58 -20.37
C SER A 84 10.73 -2.33 -20.67
N ARG A 85 10.46 -1.34 -21.50
CA ARG A 85 9.11 -1.05 -22.01
C ARG A 85 8.04 -1.04 -20.91
N LEU A 86 8.14 -0.04 -20.03
CA LEU A 86 7.33 -0.04 -18.81
C LEU A 86 5.85 0.17 -19.07
N THR A 87 5.04 -0.57 -18.33
CA THR A 87 3.60 -0.42 -18.36
C THR A 87 3.14 -0.09 -16.94
N SER A 88 1.84 0.16 -16.76
CA SER A 88 1.30 0.42 -15.42
C SER A 88 1.57 -0.74 -14.47
N GLU A 89 1.62 -1.96 -14.99
CA GLU A 89 1.90 -3.13 -14.17
C GLU A 89 3.32 -3.13 -13.60
N ASP A 90 4.20 -2.32 -14.21
CA ASP A 90 5.58 -2.23 -13.72
C ASP A 90 5.75 -1.21 -12.60
N SER A 91 4.76 -0.34 -12.39
CA SER A 91 4.78 0.55 -11.23
C SER A 91 4.76 -0.26 -9.94
N ALA A 92 5.79 -0.07 -9.11
CA ALA A 92 6.00 -0.90 -7.94
C ALA A 92 7.24 -0.46 -7.19
N VAL A 93 7.45 -1.02 -6.01
CA VAL A 93 8.71 -0.86 -5.34
C VAL A 93 9.56 -2.08 -5.67
N TYR A 94 10.83 -1.84 -5.97
CA TYR A 94 11.77 -2.91 -6.28
C TYR A 94 12.84 -2.97 -5.20
N PHE A 95 12.95 -4.12 -4.55
CA PHE A 95 13.93 -4.30 -3.51
C PHE A 95 15.09 -5.13 -4.02
N CYS A 96 16.29 -4.80 -3.59
N CYS A 96 16.25 -4.82 -3.48
CA CYS A 96 17.41 -5.70 -3.83
CA CYS A 96 17.48 -5.55 -3.73
C CYS A 96 17.82 -6.33 -2.51
C CYS A 96 17.81 -6.33 -2.45
N ALA A 97 18.35 -7.54 -2.58
CA ALA A 97 18.74 -8.29 -1.40
C ALA A 97 20.04 -9.02 -1.71
N SER A 98 20.90 -9.12 -0.71
CA SER A 98 22.21 -9.69 -0.90
C SER A 98 22.51 -10.77 0.15
N HIS A 99 23.14 -11.86 -0.27
CA HIS A 99 23.56 -12.89 0.68
C HIS A 99 24.71 -13.72 0.13
N ALA A 100 25.54 -14.22 1.05
CA ALA A 100 26.52 -15.24 0.71
C ALA A 100 25.80 -16.58 0.67
N TYR A 101 26.37 -17.53 -0.05
CA TYR A 101 25.79 -18.86 -0.17
C TYR A 101 25.58 -19.46 1.21
N ASP A 102 24.36 -19.95 1.47
CA ASP A 102 24.01 -20.58 2.74
C ASP A 102 24.01 -19.60 3.93
N LYS A 103 24.01 -18.30 3.65
CA LYS A 103 23.90 -17.31 4.73
C LYS A 103 22.68 -16.39 4.56
N GLU A 104 22.32 -15.70 5.63
CA GLU A 104 21.07 -14.92 5.66
C GLU A 104 21.18 -13.64 4.84
N PRO A 105 20.07 -13.24 4.18
CA PRO A 105 20.14 -12.09 3.28
C PRO A 105 19.92 -10.75 3.96
N TYR A 106 20.46 -9.71 3.34
CA TYR A 106 20.27 -8.34 3.77
C TYR A 106 19.51 -7.62 2.67
N TRP A 107 18.50 -6.85 3.04
CA TRP A 107 17.62 -6.22 2.06
C TRP A 107 17.88 -4.71 1.98
N GLY A 108 17.78 -4.16 0.78
CA GLY A 108 17.85 -2.72 0.60
C GLY A 108 16.52 -2.10 0.98
N GLN A 109 16.43 -0.78 0.92
CA GLN A 109 15.22 -0.09 1.34
C GLN A 109 14.18 -0.01 0.23
N GLY A 110 14.57 -0.37 -0.99
CA GLY A 110 13.64 -0.41 -2.10
C GLY A 110 13.65 0.87 -2.91
N THR A 111 13.29 0.74 -4.18
CA THR A 111 13.21 1.88 -5.09
C THR A 111 11.82 1.93 -5.69
N LEU A 112 11.14 3.06 -5.52
CA LEU A 112 9.80 3.23 -6.06
C LEU A 112 9.89 3.60 -7.53
N VAL A 113 9.16 2.89 -8.37
CA VAL A 113 9.10 3.19 -9.78
C VAL A 113 7.66 3.54 -10.13
N THR A 114 7.46 4.73 -10.70
CA THR A 114 6.12 5.19 -11.07
C THR A 114 6.07 5.49 -12.55
N VAL A 115 5.14 4.87 -13.26
CA VAL A 115 5.03 5.07 -14.71
C VAL A 115 3.94 6.10 -15.03
N SER A 116 4.32 7.18 -15.68
CA SER A 116 3.38 8.23 -16.06
C SER A 116 4.03 9.17 -17.06
N ALA A 117 3.22 9.71 -17.97
CA ALA A 117 3.71 10.67 -18.95
C ALA A 117 3.52 12.12 -18.46
N ALA A 118 2.98 12.29 -17.27
CA ALA A 118 2.67 13.62 -16.75
C ALA A 118 3.94 14.43 -16.43
N LYS A 119 3.84 15.74 -16.60
CA LYS A 119 4.84 16.66 -16.09
C LYS A 119 4.41 17.08 -14.70
N THR A 120 5.26 17.81 -13.99
CA THR A 120 4.91 18.30 -12.66
C THR A 120 3.65 19.15 -12.72
N THR A 121 2.67 18.81 -11.90
CA THR A 121 1.35 19.44 -11.96
C THR A 121 0.80 19.65 -10.55
N PRO A 122 0.47 20.90 -10.18
CA PRO A 122 -0.11 21.16 -8.86
C PRO A 122 -1.55 20.64 -8.77
N PRO A 123 -2.01 20.29 -7.56
CA PRO A 123 -3.37 19.80 -7.38
C PRO A 123 -4.43 20.89 -7.47
N SER A 124 -5.61 20.52 -7.98
CA SER A 124 -6.81 21.31 -7.81
C SER A 124 -7.43 20.85 -6.50
N VAL A 125 -7.78 21.79 -5.62
CA VAL A 125 -8.31 21.42 -4.31
C VAL A 125 -9.76 21.87 -4.18
N TYR A 126 -10.63 20.90 -3.93
CA TYR A 126 -12.07 21.17 -3.89
C TYR A 126 -12.67 20.86 -2.52
N PRO A 127 -13.49 21.78 -1.99
CA PRO A 127 -14.16 21.61 -0.70
C PRO A 127 -15.29 20.58 -0.77
N LEU A 128 -15.40 19.77 0.26
CA LEU A 128 -16.48 18.81 0.36
C LEU A 128 -17.33 19.18 1.56
N ALA A 129 -18.48 19.79 1.30
CA ALA A 129 -19.41 20.22 2.34
C ALA A 129 -20.69 19.41 2.19
N PRO A 130 -21.37 19.12 3.31
CA PRO A 130 -22.56 18.26 3.27
C PRO A 130 -23.69 18.88 2.45
N GLY A 131 -24.53 18.03 1.87
CA GLY A 131 -25.68 18.50 1.10
C GLY A 131 -26.72 19.18 1.98
N SER A 138 -24.95 15.42 15.62
CA SER A 138 -23.99 15.70 16.67
C SER A 138 -22.56 15.90 16.17
N MET A 139 -22.15 15.08 15.21
CA MET A 139 -20.85 15.28 14.60
C MET A 139 -21.12 15.55 13.14
N VAL A 140 -20.22 16.27 12.49
CA VAL A 140 -20.36 16.51 11.07
C VAL A 140 -19.06 16.16 10.38
N THR A 141 -19.15 15.55 9.21
CA THR A 141 -17.97 15.17 8.45
C THR A 141 -17.81 16.08 7.24
N LEU A 142 -16.61 16.64 7.10
CA LEU A 142 -16.25 17.53 6.00
C LEU A 142 -15.09 16.89 5.25
N GLY A 143 -14.77 17.42 4.09
CA GLY A 143 -13.59 16.91 3.40
C GLY A 143 -13.02 17.81 2.35
N CYS A 144 -11.92 17.37 1.76
N CYS A 144 -11.91 17.41 1.77
CA CYS A 144 -11.31 18.04 0.63
CA CYS A 144 -11.45 18.07 0.56
C CYS A 144 -10.92 17.01 -0.42
C CYS A 144 -10.87 17.08 -0.43
N LEU A 145 -11.15 17.34 -1.69
CA LEU A 145 -10.75 16.47 -2.78
C LEU A 145 -9.52 17.10 -3.43
N VAL A 146 -8.43 16.34 -3.48
CA VAL A 146 -7.17 16.86 -4.00
C VAL A 146 -6.89 16.14 -5.32
N LYS A 147 -7.13 16.83 -6.41
CA LYS A 147 -7.26 16.14 -7.69
C LYS A 147 -6.31 16.62 -8.78
N GLY A 148 -5.77 15.66 -9.52
CA GLY A 148 -5.03 15.96 -10.74
C GLY A 148 -3.59 16.43 -10.57
N TYR A 149 -2.88 15.91 -9.58
CA TYR A 149 -1.50 16.35 -9.35
C TYR A 149 -0.47 15.31 -9.73
N PHE A 150 0.78 15.76 -9.88
CA PHE A 150 1.90 14.86 -10.14
C PHE A 150 3.20 15.57 -9.80
N PRO A 151 4.15 14.87 -9.18
CA PRO A 151 4.10 13.50 -8.65
C PRO A 151 3.70 13.52 -7.17
N GLU A 152 3.74 12.35 -6.54
CA GLU A 152 3.58 12.25 -5.09
C GLU A 152 4.84 12.82 -4.44
N PRO A 153 4.72 13.33 -3.21
CA PRO A 153 3.53 13.38 -2.35
C PRO A 153 2.87 14.76 -2.26
N VAL A 154 1.73 14.80 -1.59
CA VAL A 154 1.18 16.05 -1.09
C VAL A 154 1.08 15.94 0.43
N THR A 155 0.99 17.08 1.11
CA THR A 155 0.76 17.10 2.54
C THR A 155 -0.54 17.83 2.83
N VAL A 156 -1.49 17.13 3.45
CA VAL A 156 -2.79 17.71 3.78
C VAL A 156 -2.91 17.91 5.28
N THR A 157 -3.28 19.12 5.68
CA THR A 157 -3.56 19.41 7.08
C THR A 157 -4.91 20.10 7.17
N TRP A 158 -5.48 20.15 8.38
CA TRP A 158 -6.70 20.89 8.61
C TRP A 158 -6.44 21.98 9.64
N ASN A 159 -6.92 23.19 9.36
CA ASN A 159 -6.65 24.35 10.21
C ASN A 159 -5.18 24.45 10.59
N SER A 160 -4.31 24.34 9.58
CA SER A 160 -2.87 24.45 9.75
C SER A 160 -2.30 23.49 10.80
N GLY A 161 -2.94 22.34 10.95
CA GLY A 161 -2.44 21.33 11.86
C GLY A 161 -3.16 21.28 13.20
N SER A 162 -3.85 22.35 13.55
CA SER A 162 -4.54 22.43 14.84
C SER A 162 -5.66 21.40 14.93
N LEU A 163 -6.18 21.00 13.78
CA LEU A 163 -7.21 19.99 13.71
C LEU A 163 -6.61 18.68 13.25
N SER A 164 -6.34 17.78 14.19
CA SER A 164 -5.65 16.54 13.86
C SER A 164 -6.44 15.28 14.25
N SER A 165 -7.22 15.37 15.32
CA SER A 165 -8.11 14.27 15.67
C SER A 165 -9.28 14.22 14.70
N GLY A 166 -9.74 13.02 14.40
CA GLY A 166 -10.88 12.83 13.52
C GLY A 166 -10.58 13.06 12.05
N VAL A 167 -9.30 13.08 11.69
CA VAL A 167 -8.88 13.25 10.30
C VAL A 167 -8.53 11.92 9.64
N HIS A 168 -9.02 11.71 8.42
CA HIS A 168 -8.57 10.59 7.60
C HIS A 168 -8.09 11.09 6.25
N THR A 169 -6.80 10.97 5.98
CA THR A 169 -6.31 11.28 4.65
C THR A 169 -5.99 9.99 3.90
N PHE A 170 -6.66 9.80 2.77
CA PHE A 170 -6.63 8.52 2.08
C PHE A 170 -5.48 8.47 1.09
N PRO A 171 -4.89 7.27 0.90
CA PRO A 171 -3.81 7.12 -0.08
C PRO A 171 -4.25 7.56 -1.46
N ALA A 172 -3.35 8.21 -2.18
CA ALA A 172 -3.68 8.67 -3.52
C ALA A 172 -3.78 7.51 -4.50
N VAL A 173 -4.55 7.72 -5.57
CA VAL A 173 -4.69 6.75 -6.64
C VAL A 173 -4.31 7.41 -7.94
N LEU A 174 -3.50 6.72 -8.74
CA LEU A 174 -3.11 7.23 -10.05
C LEU A 174 -4.14 6.83 -11.09
N GLN A 175 -4.74 7.83 -11.74
CA GLN A 175 -5.67 7.58 -12.84
C GLN A 175 -5.42 8.61 -13.93
N SER A 176 -5.27 8.14 -15.17
CA SER A 176 -4.98 9.01 -16.31
C SER A 176 -3.73 9.85 -16.07
N ASP A 177 -2.69 9.18 -15.57
CA ASP A 177 -1.35 9.77 -15.38
C ASP A 177 -1.24 10.75 -14.20
N LEU A 178 -2.36 11.05 -13.55
CA LEU A 178 -2.35 12.01 -12.45
C LEU A 178 -2.93 11.42 -11.17
N TYR A 179 -2.51 11.94 -10.02
CA TYR A 179 -2.98 11.44 -8.73
C TYR A 179 -4.22 12.17 -8.24
N THR A 180 -5.06 11.45 -7.51
CA THR A 180 -6.19 12.06 -6.80
C THR A 180 -6.25 11.46 -5.40
N LEU A 181 -6.51 12.30 -4.40
CA LEU A 181 -6.79 11.81 -3.06
C LEU A 181 -7.86 12.65 -2.38
N SER A 182 -8.40 12.11 -1.29
CA SER A 182 -9.37 12.83 -0.49
C SER A 182 -8.94 12.80 0.96
N SER A 183 -9.42 13.76 1.74
CA SER A 183 -9.18 13.77 3.17
C SER A 183 -10.49 14.14 3.82
N SER A 184 -10.84 13.47 4.91
CA SER A 184 -12.05 13.81 5.65
C SER A 184 -11.67 14.26 7.04
N VAL A 185 -12.51 15.11 7.63
CA VAL A 185 -12.35 15.48 9.03
C VAL A 185 -13.73 15.51 9.69
N THR A 186 -13.81 15.01 10.91
CA THR A 186 -15.07 14.99 11.63
C THR A 186 -14.97 15.88 12.87
N VAL A 187 -15.93 16.80 13.02
CA VAL A 187 -15.90 17.74 14.13
C VAL A 187 -17.29 17.81 14.78
N PRO A 188 -17.36 18.29 16.03
CA PRO A 188 -18.66 18.52 16.64
C PRO A 188 -19.52 19.47 15.81
N SER A 189 -20.81 19.22 15.77
N SER A 189 -20.81 19.22 15.77
CA SER A 189 -21.74 20.05 15.02
CA SER A 189 -21.74 20.05 15.02
C SER A 189 -21.75 21.50 15.54
C SER A 189 -21.73 21.50 15.53
N SER A 190 -21.39 21.66 16.80
CA SER A 190 -21.35 22.98 17.43
C SER A 190 -20.08 23.76 17.09
N THR A 191 -19.23 23.18 16.24
CA THR A 191 -17.99 23.83 15.81
C THR A 191 -18.05 24.30 14.36
N TRP A 192 -18.84 23.62 13.54
CA TRP A 192 -18.99 24.00 12.14
C TRP A 192 -20.46 23.98 11.76
N PRO A 193 -20.93 24.96 10.99
CA PRO A 193 -20.18 26.06 10.33
C PRO A 193 -19.90 27.29 11.17
N SER A 194 -20.07 27.21 12.48
CA SER A 194 -19.93 28.41 13.32
C SER A 194 -18.48 28.84 13.44
N GLU A 195 -17.55 27.90 13.32
CA GLU A 195 -16.14 28.22 13.31
C GLU A 195 -15.52 27.78 12.00
N THR A 196 -14.34 28.31 11.70
CA THR A 196 -13.70 28.07 10.41
C THR A 196 -12.99 26.73 10.36
N VAL A 197 -13.28 25.98 9.29
CA VAL A 197 -12.58 24.73 9.01
C VAL A 197 -11.97 24.81 7.61
N THR A 198 -10.65 24.68 7.54
CA THR A 198 -9.92 24.89 6.30
C THR A 198 -8.94 23.76 6.04
N CYS A 199 -8.96 23.22 4.82
N CYS A 199 -8.94 23.28 4.80
CA CYS A 199 -7.95 22.23 4.48
CA CYS A 199 -8.00 22.27 4.33
C CYS A 199 -6.78 22.94 3.79
C CYS A 199 -6.77 22.96 3.76
N ASN A 200 -5.57 22.54 4.19
CA ASN A 200 -4.34 23.09 3.63
C ASN A 200 -3.63 22.00 2.84
N VAL A 201 -3.25 22.30 1.60
CA VAL A 201 -2.60 21.28 0.76
C VAL A 201 -1.29 21.77 0.17
N ALA A 202 -0.19 21.15 0.60
CA ALA A 202 1.13 21.49 0.11
C ALA A 202 1.59 20.45 -0.89
N HIS A 203 2.21 20.88 -1.97
CA HIS A 203 2.74 19.98 -3.00
C HIS A 203 4.17 20.42 -3.27
N PRO A 204 5.14 19.72 -2.65
CA PRO A 204 6.56 20.12 -2.73
C PRO A 204 7.08 20.23 -4.16
N ALA A 205 6.70 19.30 -5.04
CA ALA A 205 7.24 19.28 -6.40
C ALA A 205 6.91 20.55 -7.19
N SER A 206 5.72 21.11 -6.96
CA SER A 206 5.33 22.33 -7.65
C SER A 206 5.58 23.57 -6.79
N SER A 207 6.13 23.36 -5.60
CA SER A 207 6.38 24.42 -4.63
C SER A 207 5.12 25.26 -4.36
N THR A 208 3.99 24.59 -4.20
CA THR A 208 2.73 25.30 -3.96
C THR A 208 2.09 24.88 -2.64
N LYS A 209 1.30 25.77 -2.06
CA LYS A 209 0.44 25.43 -0.93
C LYS A 209 -0.83 26.25 -1.01
N VAL A 210 -1.97 25.57 -0.98
CA VAL A 210 -3.24 26.27 -1.10
C VAL A 210 -4.14 25.94 0.07
N ASP A 211 -5.02 26.87 0.41
CA ASP A 211 -5.99 26.65 1.48
C ASP A 211 -7.38 26.68 0.87
N LYS A 212 -8.28 25.85 1.40
CA LYS A 212 -9.68 25.87 0.99
C LYS A 212 -10.59 25.80 2.20
N LYS A 213 -11.27 26.90 2.48
CA LYS A 213 -12.23 26.96 3.57
C LYS A 213 -13.47 26.18 3.19
N ILE A 214 -13.97 25.36 4.11
CA ILE A 214 -15.20 24.62 3.86
C ILE A 214 -16.39 25.48 4.29
N VAL A 215 -17.21 25.89 3.33
CA VAL A 215 -18.40 26.69 3.63
C VAL A 215 -19.67 25.92 3.28
N PRO A 216 -20.76 26.15 4.03
CA PRO A 216 -22.03 25.45 3.78
C PRO A 216 -22.54 25.67 2.36
N ARG A 217 -23.26 24.70 1.82
CA ARG A 217 -23.76 24.77 0.46
C ARG A 217 -24.99 25.67 0.34
N ASP B 1 6.35 -24.41 -10.33
CA ASP B 1 6.88 -23.66 -9.20
C ASP B 1 6.30 -24.13 -7.89
N VAL B 2 7.04 -23.90 -6.82
CA VAL B 2 6.53 -24.22 -5.48
C VAL B 2 5.51 -23.17 -5.04
N LEU B 3 4.31 -23.63 -4.71
CA LEU B 3 3.29 -22.73 -4.19
C LEU B 3 3.38 -22.70 -2.67
N MET B 4 3.47 -21.49 -2.11
CA MET B 4 3.49 -21.32 -0.66
C MET B 4 2.13 -20.81 -0.23
N THR B 5 1.44 -21.61 0.59
CA THR B 5 0.10 -21.25 1.06
C THR B 5 0.14 -20.84 2.53
N GLN B 6 -0.16 -19.57 2.79
CA GLN B 6 -0.19 -19.04 4.15
C GLN B 6 -1.61 -18.95 4.68
N THR B 7 -1.79 -19.35 5.93
CA THR B 7 -3.07 -19.20 6.61
C THR B 7 -2.84 -18.78 8.06
N PRO B 8 -3.74 -17.95 8.61
CA PRO B 8 -4.90 -17.35 7.95
C PRO B 8 -4.48 -16.15 7.12
N LEU B 9 -5.36 -15.63 6.27
CA LEU B 9 -5.06 -14.43 5.50
C LEU B 9 -4.93 -13.25 6.45
N SER B 10 -5.76 -13.23 7.49
CA SER B 10 -5.67 -12.18 8.50
C SER B 10 -5.97 -12.75 9.89
N LEU B 11 -5.24 -12.24 10.87
CA LEU B 11 -5.35 -12.74 12.22
C LEU B 11 -5.47 -11.56 13.18
N PRO B 12 -6.69 -11.32 13.68
CA PRO B 12 -6.93 -10.32 14.73
C PRO B 12 -6.39 -10.80 16.06
N VAL B 13 -5.64 -9.96 16.77
CA VAL B 13 -5.09 -10.33 18.07
C VAL B 13 -5.17 -9.18 19.06
N SER B 14 -5.18 -9.50 20.35
CA SER B 14 -5.05 -8.48 21.37
C SER B 14 -3.60 -8.48 21.83
N LEU B 15 -3.12 -7.35 22.31
CA LEU B 15 -1.75 -7.29 22.82
C LEU B 15 -1.61 -8.28 23.98
N GLY B 16 -0.50 -9.02 23.97
CA GLY B 16 -0.28 -10.05 24.97
C GLY B 16 -0.76 -11.43 24.56
N ASP B 17 -1.49 -11.51 23.45
CA ASP B 17 -1.98 -12.80 22.97
C ASP B 17 -0.86 -13.67 22.43
N GLN B 18 -1.13 -14.97 22.32
CA GLN B 18 -0.29 -15.87 21.55
C GLN B 18 -0.77 -15.80 20.11
N ALA B 19 0.16 -15.86 19.17
CA ALA B 19 -0.22 -15.84 17.77
C ALA B 19 0.54 -16.93 17.04
N SER B 20 -0.12 -17.55 16.06
CA SER B 20 0.47 -18.65 15.31
C SER B 20 0.06 -18.55 13.85
N ILE B 21 1.04 -18.56 12.95
CA ILE B 21 0.79 -18.42 11.52
C ILE B 21 1.36 -19.63 10.77
N SER B 22 0.60 -20.15 9.81
CA SER B 22 1.04 -21.34 9.09
C SER B 22 1.47 -21.06 7.65
N CYS B 23 2.46 -21.81 7.18
CA CYS B 23 2.91 -21.72 5.80
C CYS B 23 3.10 -23.14 5.27
N ARG B 24 2.38 -23.49 4.21
CA ARG B 24 2.49 -24.83 3.63
C ARG B 24 3.00 -24.78 2.20
N SER B 25 4.01 -25.58 1.89
CA SER B 25 4.52 -25.66 0.53
C SER B 25 3.86 -26.78 -0.26
N SER B 26 3.76 -26.60 -1.58
CA SER B 26 3.06 -27.55 -2.44
C SER B 26 3.91 -28.78 -2.70
N GLN B 27 5.21 -28.64 -2.52
CA GLN B 27 6.13 -29.77 -2.57
C GLN B 27 7.24 -29.56 -1.56
N SER B 28 8.06 -30.58 -1.37
CA SER B 28 9.19 -30.51 -0.45
C SER B 28 10.12 -29.34 -0.80
N ILE B 29 10.64 -28.65 0.21
CA ILE B 29 11.58 -27.56 -0.02
C ILE B 29 12.91 -27.83 0.68
N VAL B 30 13.33 -29.09 0.66
CA VAL B 30 14.68 -29.45 1.08
C VAL B 30 15.61 -29.30 -0.12
N HIS B 31 16.61 -28.44 0.02
CA HIS B 31 17.58 -28.16 -1.03
C HIS B 31 18.51 -29.36 -1.19
N SER B 32 19.14 -29.53 -2.34
CA SER B 32 20.05 -30.67 -2.55
C SER B 32 21.19 -30.70 -1.55
N ASN B 33 21.57 -29.54 -1.02
CA ASN B 33 22.65 -29.53 -0.05
C ASN B 33 22.18 -29.97 1.34
N GLY B 34 20.90 -30.32 1.44
CA GLY B 34 20.34 -30.83 2.68
C GLY B 34 19.64 -29.80 3.56
N ASN B 35 19.89 -28.53 3.29
CA ASN B 35 19.27 -27.45 4.07
C ASN B 35 17.85 -27.15 3.61
N THR B 36 17.05 -26.58 4.51
CA THR B 36 15.74 -26.09 4.12
C THR B 36 15.73 -24.59 4.25
N TYR B 37 15.65 -23.90 3.10
CA TYR B 37 15.69 -22.45 3.09
C TYR B 37 14.29 -21.87 3.16
N LEU B 38 13.80 -21.76 4.39
CA LEU B 38 12.48 -21.22 4.65
C LEU B 38 12.65 -20.05 5.59
N GLU B 39 12.18 -18.88 5.17
CA GLU B 39 12.33 -17.67 5.96
C GLU B 39 10.99 -17.03 6.25
N TRP B 40 10.92 -16.29 7.35
CA TRP B 40 9.74 -15.49 7.68
C TRP B 40 10.14 -14.02 7.74
N TYR B 41 9.30 -13.17 7.16
CA TYR B 41 9.51 -11.72 7.16
C TYR B 41 8.31 -10.99 7.76
N LEU B 42 8.58 -9.88 8.44
CA LEU B 42 7.52 -8.98 8.85
C LEU B 42 7.70 -7.66 8.09
N GLN B 43 6.63 -7.19 7.47
CA GLN B 43 6.69 -5.92 6.76
C GLN B 43 5.63 -4.95 7.24
N LYS B 44 6.06 -3.73 7.52
CA LYS B 44 5.16 -2.64 7.85
C LYS B 44 5.05 -1.66 6.68
N PRO B 45 3.92 -0.93 6.60
CA PRO B 45 3.67 0.03 5.52
C PRO B 45 4.86 0.98 5.27
N GLY B 46 5.30 1.06 4.02
CA GLY B 46 6.35 2.00 3.64
C GLY B 46 7.76 1.58 4.03
N GLN B 47 7.92 0.32 4.42
CA GLN B 47 9.23 -0.19 4.84
C GLN B 47 9.59 -1.45 4.07
N SER B 48 10.87 -1.80 4.07
CA SER B 48 11.26 -3.07 3.46
C SER B 48 10.89 -4.20 4.41
N PRO B 49 10.74 -5.41 3.88
CA PRO B 49 10.50 -6.55 4.78
C PRO B 49 11.69 -6.75 5.70
N LYS B 50 11.41 -7.11 6.95
CA LYS B 50 12.47 -7.38 7.90
C LYS B 50 12.51 -8.87 8.20
N LEU B 51 13.71 -9.44 8.10
CA LEU B 51 13.89 -10.87 8.34
C LEU B 51 13.74 -11.22 9.81
N LEU B 52 12.87 -12.18 10.10
CA LEU B 52 12.66 -12.65 11.47
C LEU B 52 13.33 -14.01 11.73
N ILE B 53 13.09 -14.95 10.83
CA ILE B 53 13.52 -16.34 11.02
C ILE B 53 14.12 -16.83 9.70
N TYR B 54 15.25 -17.53 9.76
CA TYR B 54 15.84 -18.14 8.57
C TYR B 54 16.11 -19.61 8.83
N LYS B 55 16.25 -20.38 7.75
CA LYS B 55 16.39 -21.84 7.83
C LYS B 55 15.43 -22.48 8.85
N VAL B 56 14.15 -22.22 8.65
CA VAL B 56 13.04 -22.80 9.43
C VAL B 56 12.89 -22.29 10.87
N SER B 57 13.95 -22.35 11.64
CA SER B 57 13.80 -22.20 13.10
C SER B 57 14.83 -21.27 13.72
N ASN B 58 15.69 -20.69 12.90
CA ASN B 58 16.76 -19.84 13.43
C ASN B 58 16.36 -18.38 13.46
N ARG B 59 16.35 -17.81 14.66
N ARG B 59 16.35 -17.81 14.67
CA ARG B 59 16.00 -16.41 14.84
CA ARG B 59 16.03 -16.41 14.85
C ARG B 59 17.14 -15.51 14.38
C ARG B 59 17.16 -15.54 14.33
N PHE B 60 16.81 -14.54 13.53
CA PHE B 60 17.79 -13.62 13.01
C PHE B 60 18.26 -12.67 14.10
N SER B 61 19.49 -12.18 13.98
CA SER B 61 20.08 -11.28 14.96
C SER B 61 19.26 -10.02 15.20
N GLY B 62 18.99 -9.71 16.46
CA GLY B 62 18.26 -8.51 16.82
C GLY B 62 16.75 -8.70 16.91
N VAL B 63 16.29 -9.90 16.57
CA VAL B 63 14.87 -10.21 16.62
C VAL B 63 14.49 -10.68 18.02
N PRO B 64 13.44 -10.09 18.60
CA PRO B 64 13.01 -10.42 19.97
C PRO B 64 12.74 -11.92 20.13
N ASP B 65 12.99 -12.46 21.32
CA ASP B 65 12.87 -13.90 21.51
C ASP B 65 11.42 -14.39 21.51
N ARG B 66 10.47 -13.46 21.50
CA ARG B 66 9.06 -13.85 21.46
C ARG B 66 8.69 -14.44 20.10
N PHE B 67 9.57 -14.27 19.11
CA PHE B 67 9.36 -14.90 17.79
C PHE B 67 10.06 -16.24 17.71
N SER B 68 9.38 -17.25 17.18
CA SER B 68 9.99 -18.56 16.98
C SER B 68 9.40 -19.26 15.75
N GLY B 69 10.24 -19.98 15.03
CA GLY B 69 9.80 -20.71 13.87
C GLY B 69 10.06 -22.20 14.02
N SER B 70 9.23 -23.01 13.38
CA SER B 70 9.40 -24.46 13.38
C SER B 70 8.82 -25.04 12.11
N GLY B 71 9.10 -26.32 11.88
CA GLY B 71 8.49 -27.02 10.78
C GLY B 71 9.40 -28.02 10.11
N SER B 72 8.81 -28.86 9.27
CA SER B 72 9.58 -29.85 8.52
C SER B 72 8.80 -30.22 7.27
N GLY B 73 9.53 -30.52 6.19
CA GLY B 73 8.90 -30.98 4.97
C GLY B 73 8.14 -29.92 4.19
N THR B 74 6.83 -29.86 4.40
CA THR B 74 5.99 -28.93 3.66
C THR B 74 5.21 -28.11 4.64
N ASP B 75 5.60 -28.19 5.90
CA ASP B 75 4.74 -27.79 7.00
C ASP B 75 5.46 -26.87 7.98
N PHE B 76 5.16 -25.57 7.94
CA PHE B 76 5.91 -24.60 8.74
C PHE B 76 5.04 -23.61 9.52
N THR B 77 5.54 -23.18 10.66
CA THR B 77 4.76 -22.35 11.59
C THR B 77 5.61 -21.26 12.24
N LEU B 78 5.07 -20.04 12.28
CA LEU B 78 5.68 -18.96 13.02
C LEU B 78 4.81 -18.69 14.25
N LYS B 79 5.41 -18.57 15.43
CA LYS B 79 4.64 -18.24 16.64
C LYS B 79 5.13 -16.96 17.31
N ILE B 80 4.19 -16.18 17.83
CA ILE B 80 4.57 -15.03 18.63
C ILE B 80 4.03 -15.20 20.05
N ASN B 81 4.91 -15.14 21.04
CA ASN B 81 4.51 -15.27 22.43
C ASN B 81 4.40 -13.92 23.12
N ARG B 82 3.16 -13.46 23.35
CA ARG B 82 2.85 -12.13 23.89
C ARG B 82 3.07 -11.05 22.83
N VAL B 83 2.11 -10.93 21.92
CA VAL B 83 2.16 -9.95 20.83
C VAL B 83 2.24 -8.51 21.35
N GLU B 84 3.11 -7.72 20.74
CA GLU B 84 3.22 -6.30 21.05
C GLU B 84 2.86 -5.46 19.82
N ALA B 85 2.61 -4.16 20.02
CA ALA B 85 2.12 -3.30 18.96
C ALA B 85 3.03 -3.29 17.73
N GLU B 86 4.34 -3.37 17.95
CA GLU B 86 5.29 -3.36 16.83
C GLU B 86 5.31 -4.68 16.05
N ASP B 87 4.49 -5.64 16.47
CA ASP B 87 4.43 -6.92 15.75
C ASP B 87 3.31 -6.90 14.71
N LEU B 88 2.50 -5.85 14.73
CA LEU B 88 1.40 -5.74 13.78
C LEU B 88 1.93 -5.35 12.41
N GLY B 89 1.40 -5.98 11.37
CA GLY B 89 1.90 -5.80 10.02
C GLY B 89 1.60 -7.05 9.20
N ILE B 90 2.30 -7.21 8.07
CA ILE B 90 2.08 -8.39 7.24
C ILE B 90 3.28 -9.31 7.30
N TYR B 91 3.00 -10.59 7.52
CA TYR B 91 4.04 -11.62 7.60
C TYR B 91 4.08 -12.40 6.30
N TYR B 92 5.28 -12.63 5.78
CA TYR B 92 5.45 -13.43 4.56
C TYR B 92 6.42 -14.57 4.83
N CYS B 93 6.10 -15.75 4.30
CA CYS B 93 7.08 -16.82 4.26
C CYS B 93 7.68 -16.85 2.86
N LEU B 94 8.92 -17.32 2.78
CA LEU B 94 9.67 -17.37 1.53
C LEU B 94 10.44 -18.67 1.50
N GLN B 95 10.30 -19.44 0.43
CA GLN B 95 11.16 -20.60 0.22
C GLN B 95 12.30 -20.27 -0.74
N GLY B 96 13.50 -20.60 -0.33
CA GLY B 96 14.68 -20.36 -1.14
C GLY B 96 15.37 -21.63 -1.59
N SER B 97 14.64 -22.73 -1.59
CA SER B 97 15.23 -24.01 -1.93
C SER B 97 15.20 -24.36 -3.42
N HIS B 98 14.14 -23.95 -4.10
CA HIS B 98 13.98 -24.30 -5.51
C HIS B 98 13.62 -23.04 -6.29
N VAL B 99 14.39 -22.75 -7.34
CA VAL B 99 14.05 -21.64 -8.23
C VAL B 99 12.87 -22.01 -9.14
N PRO B 100 11.97 -21.04 -9.39
CA PRO B 100 12.01 -19.67 -8.89
C PRO B 100 11.66 -19.60 -7.40
N LEU B 101 12.31 -18.71 -6.66
CA LEU B 101 11.99 -18.56 -5.24
C LEU B 101 10.59 -18.01 -5.16
N THR B 102 9.84 -18.40 -4.13
CA THR B 102 8.43 -18.03 -4.03
C THR B 102 8.02 -17.65 -2.62
N PHE B 103 7.16 -16.64 -2.54
CA PHE B 103 6.63 -16.14 -1.28
C PHE B 103 5.20 -16.60 -1.06
N GLY B 104 4.79 -16.69 0.20
CA GLY B 104 3.39 -16.84 0.52
C GLY B 104 2.70 -15.52 0.27
N ALA B 105 1.37 -15.52 0.29
CA ALA B 105 0.60 -14.33 -0.07
C ALA B 105 0.51 -13.31 1.06
N GLY B 106 0.95 -13.72 2.26
CA GLY B 106 0.98 -12.81 3.39
C GLY B 106 -0.13 -13.05 4.39
N THR B 107 0.20 -12.85 5.66
CA THR B 107 -0.78 -12.92 6.73
C THR B 107 -0.75 -11.59 7.47
N THR B 108 -1.90 -10.94 7.58
CA THR B 108 -1.97 -9.67 8.29
C THR B 108 -2.30 -9.89 9.76
N LEU B 109 -1.41 -9.42 10.62
CA LEU B 109 -1.66 -9.41 12.05
C LEU B 109 -2.19 -8.02 12.36
N GLU B 110 -3.41 -7.96 12.88
CA GLU B 110 -4.05 -6.68 13.16
C GLU B 110 -4.64 -6.68 14.57
N LEU B 111 -4.91 -5.50 15.09
CA LEU B 111 -5.40 -5.37 16.46
C LEU B 111 -6.91 -5.62 16.51
N LYS B 112 -7.32 -6.46 17.44
CA LYS B 112 -8.74 -6.76 17.59
C LYS B 112 -9.45 -5.61 18.31
N ARG B 113 -10.69 -5.35 17.89
CA ARG B 113 -11.55 -4.41 18.60
C ARG B 113 -13.00 -4.77 18.33
N ALA B 114 -13.92 -4.07 18.99
CA ALA B 114 -15.35 -4.32 18.81
C ALA B 114 -15.74 -4.01 17.37
N ASP B 115 -16.66 -4.82 16.84
CA ASP B 115 -17.19 -4.58 15.52
C ASP B 115 -17.86 -3.20 15.51
N ALA B 116 -17.78 -2.52 14.37
CA ALA B 116 -18.29 -1.16 14.26
C ALA B 116 -18.76 -0.91 12.84
N ALA B 117 -20.00 -0.44 12.70
CA ALA B 117 -20.53 -0.12 11.39
C ALA B 117 -19.87 1.17 10.89
N PRO B 118 -19.73 1.29 9.57
CA PRO B 118 -19.17 2.51 8.98
C PRO B 118 -20.07 3.73 9.19
N THR B 119 -19.45 4.89 9.34
CA THR B 119 -20.15 6.16 9.30
C THR B 119 -20.03 6.64 7.86
N VAL B 120 -21.16 6.65 7.16
CA VAL B 120 -21.14 6.95 5.72
C VAL B 120 -21.58 8.38 5.43
N SER B 121 -20.79 9.09 4.64
CA SER B 121 -21.10 10.47 4.28
C SER B 121 -20.92 10.67 2.78
N ILE B 122 -21.91 11.27 2.12
CA ILE B 122 -21.82 11.48 0.68
C ILE B 122 -21.75 12.97 0.33
N PHE B 123 -20.98 13.30 -0.70
CA PHE B 123 -20.76 14.70 -1.08
C PHE B 123 -20.91 14.93 -2.57
N PRO B 124 -21.76 15.90 -2.95
CA PRO B 124 -21.92 16.29 -4.35
C PRO B 124 -20.67 17.03 -4.82
N PRO B 125 -20.48 17.14 -6.15
CA PRO B 125 -19.38 17.94 -6.70
C PRO B 125 -19.42 19.36 -6.15
N SER B 126 -18.26 19.95 -5.89
CA SER B 126 -18.19 21.34 -5.49
C SER B 126 -18.51 22.22 -6.69
N SER B 127 -18.98 23.43 -6.43
CA SER B 127 -19.24 24.39 -7.49
C SER B 127 -17.96 24.66 -8.27
N GLU B 128 -16.84 24.74 -7.54
CA GLU B 128 -15.55 25.00 -8.14
C GLU B 128 -15.16 23.96 -9.19
N GLN B 129 -15.40 22.68 -8.88
CA GLN B 129 -15.04 21.63 -9.83
C GLN B 129 -15.96 21.70 -11.04
N LEU B 130 -17.24 21.97 -10.79
CA LEU B 130 -18.22 22.08 -11.86
C LEU B 130 -17.87 23.21 -12.82
N THR B 131 -17.45 24.35 -12.26
CA THR B 131 -16.97 25.47 -13.06
C THR B 131 -15.83 25.03 -13.96
N SER B 132 -14.91 24.23 -13.41
CA SER B 132 -13.81 23.69 -14.19
C SER B 132 -14.26 22.60 -15.16
N GLY B 133 -15.55 22.28 -15.13
CA GLY B 133 -16.11 21.32 -16.07
C GLY B 133 -16.08 19.88 -15.63
N GLY B 134 -15.65 19.62 -14.40
CA GLY B 134 -15.59 18.26 -13.88
C GLY B 134 -16.65 17.97 -12.84
N ALA B 135 -16.91 16.68 -12.58
CA ALA B 135 -17.89 16.30 -11.56
C ALA B 135 -17.49 15.03 -10.81
N SER B 136 -17.10 15.20 -9.55
CA SER B 136 -16.73 14.06 -8.71
C SER B 136 -17.68 13.93 -7.53
N VAL B 137 -18.23 12.73 -7.33
CA VAL B 137 -19.06 12.47 -6.17
C VAL B 137 -18.26 11.63 -5.17
N VAL B 138 -18.17 12.09 -3.93
CA VAL B 138 -17.30 11.45 -2.95
C VAL B 138 -18.08 10.83 -1.82
N CYS B 139 -17.73 9.60 -1.47
N CYS B 139 -17.72 9.60 -1.46
CA CYS B 139 -18.35 8.93 -0.35
CA CYS B 139 -18.35 8.89 -0.36
C CYS B 139 -17.28 8.46 0.63
C CYS B 139 -17.28 8.44 0.63
N PHE B 140 -17.42 8.85 1.88
CA PHE B 140 -16.51 8.41 2.94
C PHE B 140 -17.20 7.33 3.75
N LEU B 141 -16.49 6.26 4.02
CA LEU B 141 -17.01 5.19 4.87
C LEU B 141 -16.01 5.05 5.99
N ASN B 142 -16.32 5.65 7.13
CA ASN B 142 -15.31 5.90 8.15
C ASN B 142 -15.46 5.10 9.43
N ASN B 143 -14.31 4.74 10.00
CA ASN B 143 -14.21 4.13 11.32
C ASN B 143 -15.06 2.87 11.48
N PHE B 144 -14.86 1.90 10.59
CA PHE B 144 -15.55 0.63 10.72
C PHE B 144 -14.58 -0.49 11.12
N TYR B 145 -15.14 -1.63 11.50
CA TYR B 145 -14.34 -2.80 11.83
C TYR B 145 -15.26 -4.02 11.83
N PRO B 146 -14.79 -5.15 11.26
CA PRO B 146 -13.48 -5.38 10.64
C PRO B 146 -13.31 -4.72 9.26
N LYS B 147 -12.17 -4.99 8.63
CA LYS B 147 -11.74 -4.23 7.45
C LYS B 147 -12.49 -4.52 6.16
N ASP B 148 -13.10 -5.68 6.04
CA ASP B 148 -13.81 -6.03 4.82
C ASP B 148 -15.09 -5.23 4.64
N ILE B 149 -15.25 -4.66 3.46
CA ILE B 149 -16.40 -3.82 3.17
C ILE B 149 -16.59 -3.70 1.66
N ASN B 150 -17.82 -3.46 1.24
CA ASN B 150 -18.12 -3.26 -0.17
C ASN B 150 -18.95 -2.01 -0.38
N VAL B 151 -18.64 -1.29 -1.46
CA VAL B 151 -19.36 -0.08 -1.79
C VAL B 151 -19.98 -0.23 -3.17
N LYS B 152 -21.20 0.26 -3.32
CA LYS B 152 -21.88 0.22 -4.60
C LYS B 152 -22.46 1.59 -4.90
N TRP B 153 -22.26 2.06 -6.12
CA TRP B 153 -22.83 3.33 -6.54
C TRP B 153 -24.08 3.11 -7.38
N LYS B 154 -25.08 3.96 -7.14
CA LYS B 154 -26.30 3.93 -7.93
C LYS B 154 -26.65 5.32 -8.43
N ILE B 155 -26.82 5.42 -9.75
CA ILE B 155 -27.23 6.68 -10.37
C ILE B 155 -28.67 6.53 -10.87
N ASP B 156 -29.58 7.29 -10.26
CA ASP B 156 -31.01 7.21 -10.55
C ASP B 156 -31.55 5.78 -10.38
N GLY B 157 -31.03 5.08 -9.37
CA GLY B 157 -31.47 3.72 -9.09
C GLY B 157 -30.67 2.67 -9.84
N SER B 158 -29.81 3.11 -10.75
CA SER B 158 -29.05 2.19 -11.60
C SER B 158 -27.58 2.07 -11.13
N GLU B 159 -27.10 0.84 -11.03
CA GLU B 159 -25.75 0.59 -10.55
C GLU B 159 -24.68 1.04 -11.52
N ARG B 160 -23.75 1.84 -11.04
CA ARG B 160 -22.64 2.35 -11.84
C ARG B 160 -21.33 1.73 -11.40
N GLN B 161 -20.55 1.23 -12.36
CA GLN B 161 -19.28 0.59 -12.04
C GLN B 161 -18.08 1.31 -12.67
N ASN B 162 -18.31 2.03 -13.75
CA ASN B 162 -17.22 2.76 -14.41
C ASN B 162 -16.96 4.10 -13.74
N GLY B 163 -15.69 4.49 -13.68
CA GLY B 163 -15.30 5.79 -13.14
C GLY B 163 -15.29 5.84 -11.62
N VAL B 164 -15.28 4.68 -10.99
CA VAL B 164 -15.21 4.60 -9.53
C VAL B 164 -13.80 4.27 -9.07
N LEU B 165 -13.24 5.11 -8.20
CA LEU B 165 -11.94 4.81 -7.62
C LEU B 165 -12.00 4.75 -6.09
N ASN B 166 -11.38 3.71 -5.53
CA ASN B 166 -11.43 3.47 -4.10
C ASN B 166 -10.08 3.58 -3.42
N SER B 167 -10.07 4.00 -2.16
CA SER B 167 -8.86 4.05 -1.38
C SER B 167 -9.15 3.66 0.07
N TRP B 168 -8.21 2.96 0.70
CA TRP B 168 -8.40 2.45 2.05
C TRP B 168 -7.27 2.90 2.98
N THR B 169 -7.61 3.25 4.22
CA THR B 169 -6.59 3.62 5.19
C THR B 169 -6.05 2.37 5.89
N ASP B 170 -4.90 2.52 6.52
CA ASP B 170 -4.38 1.47 7.41
C ASP B 170 -5.13 1.54 8.74
N GLN B 171 -5.03 0.48 9.53
CA GLN B 171 -5.71 0.45 10.83
C GLN B 171 -5.34 1.65 11.70
N ASP B 172 -6.36 2.30 12.23
CA ASP B 172 -6.18 3.54 12.98
C ASP B 172 -5.41 3.34 14.27
N SER B 173 -4.39 4.16 14.48
CA SER B 173 -3.52 4.04 15.65
C SER B 173 -4.24 4.31 16.97
N LYS B 174 -5.33 5.08 16.92
CA LYS B 174 -6.03 5.47 18.14
C LYS B 174 -7.26 4.61 18.48
N ASP B 175 -8.09 4.29 17.48
CA ASP B 175 -9.29 3.50 17.74
C ASP B 175 -9.34 2.14 17.05
N SER B 176 -8.25 1.78 16.37
CA SER B 176 -8.13 0.48 15.71
C SER B 176 -9.16 0.20 14.63
N THR B 177 -9.79 1.26 14.09
CA THR B 177 -10.75 1.08 13.01
C THR B 177 -10.12 1.25 11.64
N TYR B 178 -10.92 1.02 10.61
CA TYR B 178 -10.51 1.21 9.22
C TYR B 178 -11.44 2.22 8.55
N SER B 179 -10.96 2.85 7.49
CA SER B 179 -11.80 3.76 6.73
C SER B 179 -11.55 3.59 5.24
N MET B 180 -12.51 4.07 4.44
CA MET B 180 -12.43 3.91 3.01
C MET B 180 -13.05 5.12 2.34
N SER B 181 -12.46 5.53 1.22
N SER B 181 -12.47 5.54 1.22
CA SER B 181 -13.04 6.60 0.40
CA SER B 181 -13.06 6.60 0.42
C SER B 181 -13.37 6.03 -0.97
C SER B 181 -13.37 6.03 -0.96
N SER B 182 -14.49 6.46 -1.53
CA SER B 182 -14.89 6.02 -2.85
C SER B 182 -15.30 7.25 -3.64
N THR B 183 -14.71 7.41 -4.82
CA THR B 183 -14.99 8.58 -5.63
C THR B 183 -15.55 8.18 -6.99
N LEU B 184 -16.70 8.73 -7.34
CA LEU B 184 -17.31 8.51 -8.64
C LEU B 184 -17.11 9.75 -9.49
N THR B 185 -16.38 9.62 -10.58
CA THR B 185 -16.05 10.78 -11.41
C THR B 185 -16.72 10.72 -12.77
N LEU B 186 -17.46 11.78 -13.09
CA LEU B 186 -18.15 11.89 -14.37
C LEU B 186 -17.75 13.19 -15.05
N THR B 187 -18.17 13.35 -16.29
CA THR B 187 -18.15 14.66 -16.92
C THR B 187 -19.27 15.45 -16.28
N LYS B 188 -19.16 16.76 -16.37
CA LYS B 188 -20.20 17.64 -15.88
C LYS B 188 -21.49 17.40 -16.65
N ASP B 189 -21.37 17.24 -17.96
CA ASP B 189 -22.51 17.05 -18.83
C ASP B 189 -23.38 15.89 -18.35
N GLU B 190 -22.75 14.76 -18.05
CA GLU B 190 -23.49 13.59 -17.62
C GLU B 190 -23.98 13.71 -16.18
N TYR B 191 -23.26 14.47 -15.36
CA TYR B 191 -23.69 14.67 -13.98
C TYR B 191 -25.00 15.43 -13.90
N GLU B 192 -25.15 16.45 -14.74
CA GLU B 192 -26.34 17.29 -14.71
C GLU B 192 -27.54 16.60 -15.35
N ARG B 193 -27.30 15.48 -16.03
CA ARG B 193 -28.37 14.76 -16.72
C ARG B 193 -29.00 13.66 -15.86
N HIS B 194 -28.66 13.64 -14.57
CA HIS B 194 -29.26 12.72 -13.62
C HIS B 194 -29.62 13.44 -12.32
N ASN B 195 -30.35 12.77 -11.43
CA ASN B 195 -30.88 13.45 -10.25
C ASN B 195 -30.40 12.91 -8.91
N SER B 196 -30.53 11.60 -8.72
CA SER B 196 -30.19 11.00 -7.44
C SER B 196 -28.90 10.21 -7.53
N TYR B 197 -28.03 10.45 -6.56
CA TYR B 197 -26.78 9.71 -6.49
C TYR B 197 -26.71 9.00 -5.15
N THR B 198 -26.22 7.76 -5.19
CA THR B 198 -26.32 6.92 -4.01
C THR B 198 -25.10 6.06 -3.81
N CYS B 199 -24.52 6.10 -2.61
N CYS B 199 -24.59 6.07 -2.58
CA CYS B 199 -23.47 5.15 -2.28
CA CYS B 199 -23.47 5.24 -2.14
C CYS B 199 -23.98 4.20 -1.21
C CYS B 199 -24.01 4.19 -1.17
N GLU B 200 -23.77 2.92 -1.43
CA GLU B 200 -24.27 1.86 -0.56
C GLU B 200 -23.15 1.04 0.07
N ALA B 201 -23.17 0.96 1.39
CA ALA B 201 -22.12 0.26 2.13
C ALA B 201 -22.60 -1.06 2.70
N THR B 202 -22.02 -2.16 2.23
CA THR B 202 -22.28 -3.47 2.80
C THR B 202 -21.13 -3.89 3.70
N HIS B 203 -21.45 -4.19 4.96
CA HIS B 203 -20.47 -4.53 5.96
C HIS B 203 -21.08 -5.59 6.87
N LYS B 204 -20.23 -6.40 7.53
CA LYS B 204 -20.73 -7.52 8.33
C LYS B 204 -21.65 -7.13 9.48
N THR B 205 -21.61 -5.85 9.85
CA THR B 205 -22.35 -5.38 11.02
C THR B 205 -23.84 -5.28 10.76
N SER B 206 -24.24 -5.41 9.49
CA SER B 206 -25.67 -5.37 9.19
C SER B 206 -26.00 -6.21 7.96
N THR B 207 -27.26 -6.62 7.89
CA THR B 207 -27.70 -7.45 6.78
C THR B 207 -28.07 -6.53 5.63
N SER B 208 -28.52 -5.33 5.98
CA SER B 208 -28.93 -4.35 5.01
C SER B 208 -27.81 -3.34 4.84
N PRO B 209 -27.58 -2.88 3.60
CA PRO B 209 -26.57 -1.86 3.36
C PRO B 209 -26.91 -0.53 4.02
N ILE B 210 -25.90 0.22 4.43
CA ILE B 210 -26.10 1.61 4.81
C ILE B 210 -26.16 2.40 3.52
N VAL B 211 -27.24 3.16 3.36
CA VAL B 211 -27.50 3.85 2.10
C VAL B 211 -27.46 5.36 2.32
N LYS B 212 -26.62 6.03 1.55
CA LYS B 212 -26.53 7.48 1.63
C LYS B 212 -26.71 8.11 0.26
N SER B 213 -27.53 9.15 0.21
CA SER B 213 -27.94 9.73 -1.05
C SER B 213 -28.12 11.23 -1.01
N PHE B 214 -28.06 11.84 -2.19
CA PHE B 214 -28.52 13.20 -2.36
C PHE B 214 -29.19 13.33 -3.72
N ASN B 215 -30.10 14.29 -3.81
CA ASN B 215 -30.78 14.57 -5.06
C ASN B 215 -30.35 15.96 -5.51
N ARG B 216 -30.00 16.09 -6.78
CA ARG B 216 -29.76 17.43 -7.30
C ARG B 216 -31.06 18.21 -7.25
C2 P2E C . 22.58 -21.28 -7.24
C3 P2E C . 22.22 -20.28 -6.15
C4 P2E C . 20.75 -19.86 -6.14
C5 P2E C . 20.51 -18.72 -5.19
C6 P2E C . 19.71 -18.79 -4.11
C7 P2E C . 18.91 -19.97 -3.63
C8 P2E C . 19.45 -20.65 -2.38
C9 P2E C . 20.71 -21.45 -2.62
O3 P2E C . 20.87 -22.24 -3.54
C12 P2E C . 19.92 -19.66 -1.31
C11 P2E C . 20.97 -20.44 -0.50
O4 P2E C . 21.81 -19.56 0.24
C10 P2E C . 21.77 -21.17 -1.57
C13 P2E C . 18.81 -19.15 -0.43
C14 P2E C . 18.61 -17.86 -0.18
C15 P2E C . 17.54 -17.37 0.75
O5 P2E C . 18.22 -16.84 1.91
C16 P2E C . 16.67 -16.25 0.16
C17 P2E C . 17.47 -15.05 -0.36
C18 P2E C . 16.64 -13.77 -0.49
C19 P2E C . 15.64 -13.78 -1.64
C20 P2E C . 14.95 -12.44 -1.77
O1 P2E C . 24.82 -21.22 -6.53
C1 P2E C . 24.07 -21.33 -7.51
O2 P2E C . 24.42 -21.47 -8.70
#